data_4WED
#
_entry.id   4WED
#
_cell.length_a   57.327
_cell.length_b   57.327
_cell.length_c   132.063
_cell.angle_alpha   90.000
_cell.angle_beta   90.000
_cell.angle_gamma   120.000
#
_symmetry.space_group_name_H-M   'P 31'
#
loop_
_entity.id
_entity.type
_entity.pdbx_description
1 polymer 'ABC transporter, periplasmic solute-binding protein'
2 non-polymer 'SODIUM ION'
3 non-polymer 'FORMIC ACID'
4 non-polymer GLYCEROL
5 water water
#
_entity_poly.entity_id   1
_entity_poly.type   'polypeptide(L)'
_entity_poly.pdbx_seq_one_letter_code
;(MSE)SVKRRTFLQGAAGAIGLA(MSE)AQGALSKIVYAQGAAGTLRVAIAKPAGNLDPQSHYAIWAIQDL(MSE)FEPL
VKYGKGGQIEPCLATDWKIEDGGKTLHLTLREGVKFQDGTKFDAAACKWNLERW(MSE)GIDQFSW(MSE)NCSKHFQSL
EVVDDYHITVHFKEPVLAL(MSE)QELSYTRPTRFLSPKSVDADGKFKEPVGTGPWVQISADDTQSVFEHYDGYWGDKPT
YERLEAKVIPDARSRVAALRAGEIDLVGGFWIAPLTPEEGKQLEAAGFNVVVDPGNVTLV(MSE)AFNPDRAEPLKDPQV
RKAVSIGIDRAAISKVLYHGYAKPAGN(MSE)FSAALPYAGKQFDAPVRDAAAASALLEKAGWTGSPIRSKDGKPLTLEL
VVSPDAVPGSRVIAEVIQSE(MSE)KEVGIDLVIRSVDHASKHTD(MSE)LEQKYDLGFFLTYGAPYDPFGSLVALCLST
FKNDVEGKLVTDPVNLDPLINAATAATGDQIEPTIQKVYDWLRDNDAIAPLVYVPSIWAHSKRVQGFTSPVTEYD(MSE)
PYENIVLAE
;
_entity_poly.pdbx_strand_id   A
#
# COMPACT_ATOMS: atom_id res chain seq x y z
N GLY A 36 29.38 8.18 -11.23
CA GLY A 36 28.48 9.14 -10.47
C GLY A 36 27.02 9.02 -10.85
N THR A 37 26.62 7.79 -11.17
CA THR A 37 25.40 7.51 -11.86
C THR A 37 24.73 6.30 -11.23
N LEU A 38 23.54 6.49 -10.69
CA LEU A 38 22.80 5.38 -10.15
C LEU A 38 21.90 4.80 -11.22
N ARG A 39 21.95 3.49 -11.42
CA ARG A 39 21.10 2.86 -12.42
C ARG A 39 20.09 1.93 -11.79
N VAL A 40 18.86 2.06 -12.25
CA VAL A 40 17.69 1.46 -11.63
C VAL A 40 16.85 0.80 -12.70
N ALA A 41 16.49 -0.46 -12.50
CA ALA A 41 15.68 -1.14 -13.48
C ALA A 41 14.26 -0.62 -13.42
N ILE A 42 13.58 -0.61 -14.54
CA ILE A 42 12.15 -0.46 -14.62
C ILE A 42 11.64 -1.46 -15.65
N ALA A 43 10.44 -1.99 -15.40
CA ALA A 43 9.97 -3.18 -16.08
C ALA A 43 9.33 -2.82 -17.39
N LYS A 44 9.12 -1.52 -17.60
CA LYS A 44 8.55 -1.03 -18.84
C LYS A 44 8.83 0.47 -18.97
N PRO A 45 8.73 1.04 -20.19
CA PRO A 45 9.00 2.48 -20.34
C PRO A 45 8.28 3.35 -19.30
N ALA A 46 8.88 4.48 -18.92
CA ALA A 46 8.30 5.39 -17.93
C ALA A 46 6.90 5.90 -18.29
N GLY A 47 6.59 5.99 -19.59
CA GLY A 47 5.33 6.56 -20.03
C GLY A 47 5.30 8.09 -20.04
N ASN A 48 4.13 8.63 -20.35
CA ASN A 48 3.88 10.07 -20.34
C ASN A 48 3.65 10.48 -18.89
N LEU A 49 4.37 11.52 -18.45
CA LEU A 49 4.56 11.87 -17.04
C LEU A 49 3.58 12.91 -16.50
N ASP A 50 2.58 13.27 -17.32
CA ASP A 50 1.54 14.23 -16.94
C ASP A 50 1.13 13.97 -15.48
N PRO A 51 1.48 14.88 -14.56
CA PRO A 51 1.26 14.60 -13.13
C PRO A 51 -0.20 14.60 -12.76
N GLN A 52 -1.05 15.02 -13.68
CA GLN A 52 -2.51 14.90 -13.51
C GLN A 52 -3.16 13.93 -14.50
N SER A 53 -2.41 12.95 -14.98
CA SER A 53 -3.03 11.87 -15.71
C SER A 53 -2.59 10.50 -15.15
N HIS A 54 -2.84 9.41 -15.89
CA HIS A 54 -2.66 8.05 -15.34
C HIS A 54 -1.81 7.08 -16.20
N TYR A 55 -0.85 7.63 -16.95
CA TYR A 55 -0.05 6.82 -17.88
C TYR A 55 1.40 6.52 -17.46
N ALA A 56 1.88 7.12 -16.40
CA ALA A 56 3.28 6.93 -16.01
C ALA A 56 3.49 5.88 -14.95
N ILE A 57 4.73 5.41 -14.87
CA ILE A 57 5.22 4.75 -13.67
C ILE A 57 5.35 5.81 -12.57
N TRP A 58 4.62 5.63 -11.47
CA TRP A 58 4.57 6.59 -10.34
C TRP A 58 5.94 6.96 -9.80
N ALA A 59 6.77 5.95 -9.56
CA ALA A 59 8.09 6.19 -9.02
C ALA A 59 8.93 7.15 -9.85
N ILE A 60 8.66 7.23 -11.14
CA ILE A 60 9.40 8.17 -12.02
C ILE A 60 8.94 9.57 -11.79
N GLN A 61 7.64 9.73 -11.64
CA GLN A 61 7.02 11.02 -11.35
C GLN A 61 7.56 11.54 -10.04
N ASP A 62 7.79 10.63 -9.11
CA ASP A 62 8.29 10.96 -7.80
C ASP A 62 9.67 11.58 -7.85
N LEU A 63 10.37 11.35 -8.95
CA LEU A 63 11.69 11.94 -9.17
C LEU A 63 11.78 13.45 -9.29
N PHE A 65 8.50 15.45 -9.35
CA PHE A 65 7.30 16.08 -8.82
C PHE A 65 7.24 15.96 -7.32
N GLU A 66 6.82 17.05 -6.68
CA GLU A 66 6.73 17.07 -5.23
C GLU A 66 5.35 17.43 -4.79
N PRO A 67 4.92 16.86 -3.65
CA PRO A 67 3.63 17.22 -3.06
C PRO A 67 3.75 18.33 -2.00
N LEU A 68 2.60 18.76 -1.50
CA LEU A 68 2.56 19.66 -0.37
C LEU A 68 3.15 19.00 0.87
N VAL A 69 2.70 17.77 1.14
CA VAL A 69 3.17 17.00 2.28
C VAL A 69 3.57 15.64 1.77
N LYS A 70 4.54 15.05 2.45
CA LYS A 70 5.07 13.75 2.12
C LYS A 70 4.53 12.71 3.11
N TYR A 71 4.31 11.54 2.56
CA TYR A 71 3.97 10.33 3.30
C TYR A 71 5.25 9.72 3.81
N GLY A 72 5.51 9.87 5.11
CA GLY A 72 6.77 9.46 5.70
C GLY A 72 6.63 8.06 6.22
N LYS A 73 7.74 7.51 6.66
CA LYS A 73 7.76 6.30 7.46
C LYS A 73 6.67 6.28 8.53
N GLY A 74 5.94 5.18 8.58
CA GLY A 74 4.89 4.99 9.54
C GLY A 74 3.62 5.75 9.13
N GLY A 75 3.62 6.30 7.93
CA GLY A 75 2.50 7.14 7.56
C GLY A 75 2.56 8.48 8.22
N GLN A 76 3.70 8.84 8.80
CA GLN A 76 3.84 10.18 9.38
C GLN A 76 3.87 11.21 8.26
N ILE A 77 2.99 12.20 8.35
CA ILE A 77 2.88 13.30 7.42
C ILE A 77 4.00 14.31 7.60
N GLU A 78 4.78 14.56 6.56
CA GLU A 78 5.90 15.48 6.70
C GLU A 78 5.78 16.73 5.83
N PRO A 79 6.38 17.83 6.29
CA PRO A 79 6.48 19.04 5.45
C PRO A 79 7.16 18.76 4.11
N CYS A 80 6.60 19.28 3.01
CA CYS A 80 7.29 19.28 1.73
C CYS A 80 7.16 20.67 1.12
N LEU A 81 6.39 20.82 0.06
CA LEU A 81 6.17 22.12 -0.49
C LEU A 81 5.35 23.02 0.45
N ALA A 82 4.62 22.41 1.37
CA ALA A 82 4.02 23.16 2.46
C ALA A 82 4.85 22.92 3.68
N THR A 83 5.23 24.01 4.38
CA THR A 83 5.92 23.94 5.70
C THR A 83 5.00 23.74 6.92
N ASP A 84 3.74 24.05 6.77
CA ASP A 84 2.81 23.89 7.85
C ASP A 84 1.40 23.91 7.31
N TRP A 85 0.47 23.45 8.14
CA TRP A 85 -0.93 23.35 7.79
C TRP A 85 -1.84 23.27 9.02
N LYS A 86 -3.09 23.64 8.83
CA LYS A 86 -4.05 23.61 9.90
C LYS A 86 -5.35 23.18 9.30
N ILE A 87 -5.97 22.17 9.92
CA ILE A 87 -7.26 21.71 9.50
C ILE A 87 -8.32 22.24 10.48
N GLU A 88 -9.31 22.99 9.99
CA GLU A 88 -10.41 23.53 10.85
C GLU A 88 -11.82 23.26 10.29
N ASP A 89 -12.85 23.70 11.03
CA ASP A 89 -14.27 23.61 10.64
C ASP A 89 -14.70 22.15 10.53
N GLY A 90 -14.27 21.36 11.51
CA GLY A 90 -14.59 19.95 11.55
C GLY A 90 -14.10 19.25 10.30
N GLY A 91 -12.95 19.68 9.79
CA GLY A 91 -12.31 19.03 8.62
C GLY A 91 -12.68 19.63 7.26
N LYS A 92 -13.39 20.73 7.27
CA LYS A 92 -13.91 21.33 6.04
C LYS A 92 -13.04 22.53 5.54
N THR A 93 -12.05 22.91 6.31
CA THR A 93 -11.15 24.01 5.99
C THR A 93 -9.73 23.59 6.15
N LEU A 94 -8.88 23.88 5.18
CA LEU A 94 -7.44 23.57 5.28
C LEU A 94 -6.59 24.81 5.03
N HIS A 95 -5.76 25.19 6.00
CA HIS A 95 -4.88 26.34 5.86
C HIS A 95 -3.54 25.80 5.60
N LEU A 96 -2.87 26.40 4.63
CA LEU A 96 -1.54 25.94 4.18
C LEU A 96 -0.55 27.10 4.12
N THR A 97 0.58 26.89 4.77
CA THR A 97 1.70 27.78 4.63
C THR A 97 2.71 27.17 3.64
N LEU A 98 2.96 27.86 2.53
CA LEU A 98 3.87 27.34 1.51
C LEU A 98 5.33 27.66 1.84
N ARG A 99 6.22 26.77 1.42
CA ARG A 99 7.66 26.95 1.60
C ARG A 99 8.14 28.05 0.68
N GLU A 100 8.86 29.03 1.24
CA GLU A 100 9.47 30.16 0.51
C GLU A 100 10.79 29.71 -0.12
N GLY A 101 11.18 30.38 -1.22
CA GLY A 101 12.48 30.13 -1.85
C GLY A 101 12.54 28.88 -2.72
N VAL A 102 11.39 28.46 -3.19
CA VAL A 102 11.29 27.30 -4.03
C VAL A 102 11.14 27.74 -5.48
N LYS A 103 11.93 27.13 -6.34
CA LYS A 103 11.84 27.37 -7.77
C LYS A 103 11.51 26.07 -8.49
N PHE A 104 10.72 26.21 -9.55
CA PHE A 104 10.49 25.09 -10.47
C PHE A 104 11.74 24.89 -11.28
N GLN A 105 11.88 23.71 -11.87
CA GLN A 105 13.11 23.39 -12.62
C GLN A 105 13.35 24.37 -13.80
N ASP A 106 12.29 24.98 -14.34
CA ASP A 106 12.48 26.02 -15.37
C ASP A 106 12.85 27.39 -14.79
N GLY A 107 13.10 27.47 -13.48
CA GLY A 107 13.43 28.76 -12.83
C GLY A 107 12.26 29.67 -12.42
N THR A 108 11.01 29.28 -12.70
CA THR A 108 9.87 30.08 -12.28
C THR A 108 9.60 29.80 -10.81
N LYS A 109 8.94 30.75 -10.15
CA LYS A 109 8.86 30.81 -8.69
C LYS A 109 7.71 29.95 -8.18
N PHE A 110 7.93 29.20 -7.10
CA PHE A 110 6.82 28.50 -6.46
C PHE A 110 6.18 29.40 -5.41
N ASP A 111 4.88 29.61 -5.53
CA ASP A 111 4.13 30.51 -4.63
C ASP A 111 2.60 30.17 -4.65
N ALA A 112 1.82 30.85 -3.84
CA ALA A 112 0.36 30.63 -3.81
C ALA A 112 -0.33 30.55 -5.20
N ALA A 113 -0.10 31.54 -6.03
CA ALA A 113 -0.56 31.56 -7.41
C ALA A 113 -0.23 30.28 -8.22
N ALA A 114 0.98 29.76 -8.08
CA ALA A 114 1.38 28.59 -8.84
C ALA A 114 0.72 27.36 -8.23
N CYS A 115 0.54 27.39 -6.93
CA CYS A 115 -0.14 26.33 -6.23
C CYS A 115 -1.63 26.22 -6.58
N LYS A 116 -2.34 27.35 -6.53
CA LYS A 116 -3.74 27.41 -6.98
C LYS A 116 -3.90 26.88 -8.38
N TRP A 117 -3.01 27.31 -9.28
CA TRP A 117 -3.12 26.99 -10.70
C TRP A 117 -3.06 25.49 -10.93
N ASN A 118 -2.19 24.82 -10.17
CA ASN A 118 -2.11 23.36 -10.18
C ASN A 118 -3.30 22.68 -9.57
N LEU A 119 -3.64 23.09 -8.37
CA LEU A 119 -4.77 22.55 -7.68
C LEU A 119 -6.03 22.69 -8.49
N GLU A 120 -6.19 23.84 -9.13
CA GLU A 120 -7.33 24.06 -10.00
C GLU A 120 -7.34 23.15 -11.24
N ARG A 121 -6.18 22.58 -11.58
CA ARG A 121 -6.10 21.69 -12.71
C ARG A 121 -6.72 20.32 -12.41
N TRP A 122 -6.81 19.92 -11.15
CA TRP A 122 -7.32 18.57 -10.87
C TRP A 122 -8.43 18.47 -9.84
N GLY A 124 -11.81 18.75 -8.01
CA GLY A 124 -13.20 18.94 -8.39
C GLY A 124 -13.50 18.36 -9.77
N ILE A 125 -12.46 17.92 -10.50
CA ILE A 125 -12.67 17.32 -11.81
C ILE A 125 -13.28 15.95 -11.57
N ASP A 126 -14.39 15.68 -12.25
CA ASP A 126 -15.12 14.42 -12.13
C ASP A 126 -14.18 13.19 -12.19
N GLN A 127 -13.16 13.24 -13.05
CA GLN A 127 -12.20 12.14 -13.21
C GLN A 127 -11.43 11.80 -11.93
N PHE A 128 -11.38 12.71 -10.95
CA PHE A 128 -10.74 12.43 -9.65
C PHE A 128 -11.72 12.34 -8.50
N SER A 129 -12.97 12.00 -8.79
CA SER A 129 -14.01 11.90 -7.75
C SER A 129 -13.72 10.78 -6.74
N TRP A 130 -12.88 9.80 -7.13
CA TRP A 130 -12.48 8.69 -6.20
C TRP A 130 -11.67 9.17 -5.01
N ASN A 132 -11.33 11.81 -1.97
CA ASN A 132 -12.22 12.59 -1.14
C ASN A 132 -11.98 14.11 -1.20
N CYS A 133 -10.72 14.54 -1.34
CA CYS A 133 -10.45 15.97 -1.34
C CYS A 133 -10.87 16.61 -2.64
N SER A 134 -10.71 15.93 -3.77
CA SER A 134 -11.25 16.45 -5.02
C SER A 134 -12.78 16.50 -4.99
N LYS A 135 -13.38 15.38 -4.65
CA LYS A 135 -14.80 15.20 -4.56
C LYS A 135 -15.56 16.22 -3.69
N HIS A 136 -15.01 16.60 -2.54
CA HIS A 136 -15.71 17.52 -1.63
C HIS A 136 -15.20 18.94 -1.73
N PHE A 137 -14.27 19.14 -2.64
CA PHE A 137 -13.68 20.44 -2.81
C PHE A 137 -14.79 21.47 -3.07
N GLN A 138 -14.83 22.52 -2.26
CA GLN A 138 -15.80 23.60 -2.42
C GLN A 138 -15.16 24.80 -3.08
N SER A 139 -14.06 25.31 -2.52
CA SER A 139 -13.38 26.50 -3.07
C SER A 139 -11.95 26.68 -2.54
N LEU A 140 -11.28 27.72 -3.05
CA LEU A 140 -9.86 27.89 -2.88
C LEU A 140 -9.46 29.38 -2.83
N GLU A 141 -9.19 29.90 -1.64
CA GLU A 141 -8.78 31.30 -1.53
C GLU A 141 -7.29 31.48 -1.28
N VAL A 142 -6.64 32.18 -2.19
CA VAL A 142 -5.29 32.72 -1.97
C VAL A 142 -5.36 33.89 -0.96
N VAL A 143 -4.40 33.91 -0.03
CA VAL A 143 -4.36 34.90 1.03
C VAL A 143 -3.14 35.75 0.82
N ASP A 144 -1.99 35.11 0.69
CA ASP A 144 -0.80 35.84 0.26
C ASP A 144 0.09 34.94 -0.64
N ASP A 145 1.27 35.43 -1.01
CA ASP A 145 2.25 34.64 -1.77
C ASP A 145 2.57 33.30 -1.13
N TYR A 146 2.43 33.17 0.19
CA TYR A 146 2.77 31.90 0.82
C TYR A 146 1.67 31.30 1.66
N HIS A 147 0.43 31.82 1.58
CA HIS A 147 -0.67 31.24 2.36
C HIS A 147 -1.88 30.98 1.50
N ILE A 148 -2.32 29.73 1.52
CA ILE A 148 -3.55 29.32 0.85
C ILE A 148 -4.47 28.59 1.82
N THR A 149 -5.77 28.83 1.65
CA THR A 149 -6.81 28.12 2.35
C THR A 149 -7.72 27.36 1.34
N VAL A 150 -7.99 26.08 1.64
CA VAL A 150 -8.91 25.28 0.83
C VAL A 150 -10.15 24.99 1.66
N HIS A 151 -11.30 25.04 1.00
CA HIS A 151 -12.58 24.74 1.61
C HIS A 151 -13.28 23.52 1.02
N PHE A 152 -13.95 22.75 1.86
CA PHE A 152 -14.58 21.50 1.44
C PHE A 152 -16.05 21.43 1.89
N LYS A 153 -16.93 20.89 1.04
CA LYS A 153 -18.40 20.76 1.37
C LYS A 153 -18.69 19.84 2.56
N GLU A 154 -17.80 18.88 2.81
CA GLU A 154 -17.85 17.97 3.94
C GLU A 154 -16.44 17.67 4.48
N PRO A 155 -16.36 17.10 5.70
CA PRO A 155 -15.05 16.68 6.17
C PRO A 155 -14.43 15.66 5.21
N VAL A 156 -13.11 15.69 5.11
CA VAL A 156 -12.38 14.90 4.16
C VAL A 156 -11.60 13.89 4.97
N LEU A 157 -12.02 12.65 4.87
CA LEU A 157 -11.30 11.52 5.46
C LEU A 157 -9.87 11.50 4.95
N ALA A 158 -8.90 11.35 5.84
CA ALA A 158 -7.49 11.18 5.47
C ALA A 158 -7.00 12.24 4.48
N LEU A 159 -7.35 13.49 4.77
CA LEU A 159 -7.06 14.59 3.86
C LEU A 159 -5.57 14.68 3.53
N GLN A 161 -3.12 12.71 4.04
CA GLN A 161 -2.59 11.50 3.40
C GLN A 161 -2.79 11.56 1.84
N GLU A 162 -3.98 11.99 1.43
CA GLU A 162 -4.34 11.99 0.04
C GLU A 162 -3.47 13.00 -0.68
N LEU A 163 -3.07 14.05 0.04
CA LEU A 163 -2.29 15.12 -0.55
C LEU A 163 -0.83 14.71 -0.68
N SER A 164 -0.46 13.59 -0.07
CA SER A 164 0.88 13.00 -0.23
C SER A 164 0.98 12.17 -1.53
N TYR A 165 -0.11 11.93 -2.27
CA TYR A 165 -0.04 10.99 -3.37
C TYR A 165 0.89 11.45 -4.49
N THR A 166 1.29 10.48 -5.30
CA THR A 166 2.21 10.72 -6.39
C THR A 166 1.42 11.51 -7.41
N ARG A 167 0.20 11.11 -7.68
CA ARG A 167 -0.66 11.86 -8.59
C ARG A 167 -2.08 11.81 -8.04
N PRO A 168 -2.92 12.81 -8.32
CA PRO A 168 -2.62 13.99 -9.13
C PRO A 168 -2.19 15.22 -8.35
N THR A 169 -1.73 15.00 -7.14
CA THR A 169 -1.55 16.06 -6.17
C THR A 169 -0.27 16.87 -6.24
N ARG A 170 0.47 16.81 -7.33
CA ARG A 170 1.80 17.44 -7.33
C ARG A 170 1.88 18.57 -8.31
N PHE A 171 3.02 19.27 -8.29
CA PHE A 171 3.16 20.62 -8.82
C PHE A 171 4.08 20.81 -10.05
N LEU A 172 3.42 21.27 -11.13
CA LEU A 172 4.02 21.40 -12.45
C LEU A 172 4.15 22.87 -12.76
N SER A 173 5.30 23.28 -13.29
CA SER A 173 5.50 24.69 -13.59
C SER A 173 4.40 25.24 -14.51
N PRO A 174 3.67 26.26 -14.04
CA PRO A 174 2.69 26.95 -14.92
C PRO A 174 3.20 27.51 -16.25
N LYS A 175 4.50 27.85 -16.37
CA LYS A 175 5.00 28.41 -17.65
C LYS A 175 5.42 27.29 -18.58
N SER A 176 5.54 26.07 -18.06
CA SER A 176 5.97 24.93 -18.86
C SER A 176 4.88 24.44 -19.80
N VAL A 177 3.64 24.86 -19.57
CA VAL A 177 2.49 24.35 -20.28
C VAL A 177 2.01 25.44 -21.21
N ASP A 178 1.45 25.04 -22.35
CA ASP A 178 1.05 26.00 -23.34
C ASP A 178 -0.36 26.50 -23.22
N ALA A 179 -0.69 27.42 -24.13
CA ALA A 179 -2.00 28.05 -24.22
C ALA A 179 -3.15 27.06 -24.00
N ASP A 180 -3.04 25.89 -24.63
CA ASP A 180 -4.08 24.86 -24.57
C ASP A 180 -4.17 24.28 -23.17
N GLY A 181 -3.11 24.47 -22.39
CA GLY A 181 -3.04 23.92 -21.05
C GLY A 181 -2.62 22.46 -21.01
N LYS A 182 -2.20 21.88 -22.14
CA LYS A 182 -1.87 20.47 -22.19
C LYS A 182 -0.45 20.26 -21.63
N PHE A 183 -0.27 19.25 -20.78
CA PHE A 183 1.07 18.92 -20.32
C PHE A 183 2.07 18.74 -21.50
N LYS A 184 3.20 19.43 -21.38
CA LYS A 184 4.29 19.40 -22.34
C LYS A 184 5.48 18.71 -21.67
N GLU A 185 6.34 19.43 -20.96
CA GLU A 185 7.54 18.86 -20.36
C GLU A 185 7.40 18.66 -18.84
N PRO A 186 8.14 17.68 -18.26
CA PRO A 186 7.94 17.36 -16.86
C PRO A 186 8.74 18.27 -15.93
N VAL A 187 8.24 19.52 -15.81
CA VAL A 187 8.87 20.60 -15.06
C VAL A 187 8.25 20.73 -13.67
N GLY A 188 8.69 19.87 -12.77
CA GLY A 188 8.29 19.95 -11.37
C GLY A 188 9.32 20.71 -10.57
N THR A 189 9.28 20.52 -9.25
CA THR A 189 10.20 21.17 -8.28
C THR A 189 11.20 20.19 -7.67
N GLY A 190 11.07 18.92 -8.03
CA GLY A 190 11.83 17.85 -7.38
C GLY A 190 13.34 17.83 -7.71
N PRO A 191 14.06 16.94 -7.03
CA PRO A 191 15.52 16.90 -7.12
C PRO A 191 16.14 16.48 -8.47
N TRP A 192 15.36 15.87 -9.38
CA TRP A 192 15.83 15.30 -10.64
C TRP A 192 15.20 15.96 -11.86
N VAL A 193 16.04 16.24 -12.88
CA VAL A 193 15.60 16.82 -14.14
C VAL A 193 15.65 15.71 -15.18
N GLN A 194 14.56 15.47 -15.89
CA GLN A 194 14.55 14.52 -17.02
C GLN A 194 15.44 15.02 -18.13
N ILE A 195 16.50 14.28 -18.45
CA ILE A 195 17.37 14.68 -19.58
C ILE A 195 16.94 14.02 -20.89
N SER A 196 16.39 12.83 -20.80
CA SER A 196 15.97 12.07 -21.96
C SER A 196 15.08 10.94 -21.55
N ALA A 197 14.18 10.59 -22.47
CA ALA A 197 13.28 9.47 -22.22
C ALA A 197 12.93 8.81 -23.53
N ASP A 198 12.94 7.48 -23.53
CA ASP A 198 12.52 6.68 -24.68
C ASP A 198 12.22 5.30 -24.14
N ASP A 199 12.00 4.34 -25.01
CA ASP A 199 11.65 2.98 -24.55
C ASP A 199 12.79 2.03 -24.09
N THR A 200 14.04 2.48 -24.02
CA THR A 200 15.17 1.67 -23.47
C THR A 200 15.67 2.21 -22.12
N GLN A 201 15.78 3.52 -22.00
CA GLN A 201 16.00 4.12 -20.71
C GLN A 201 15.38 5.51 -20.60
N SER A 202 15.41 6.03 -19.38
CA SER A 202 15.17 7.44 -19.07
C SER A 202 16.31 7.92 -18.16
N VAL A 203 16.74 9.16 -18.37
CA VAL A 203 17.98 9.65 -17.77
C VAL A 203 17.73 10.98 -17.04
N PHE A 204 18.12 11.07 -15.76
CA PHE A 204 17.94 12.29 -14.94
C PHE A 204 19.26 12.83 -14.35
N GLU A 205 19.39 14.16 -14.22
CA GLU A 205 20.55 14.85 -13.58
C GLU A 205 20.14 15.74 -12.39
N HIS A 206 20.95 15.79 -11.34
CA HIS A 206 20.65 16.53 -10.09
C HIS A 206 20.17 17.94 -10.43
N TYR A 207 19.06 18.42 -9.82
CA TYR A 207 18.58 19.78 -10.11
C TYR A 207 19.26 20.79 -9.18
N ASP A 208 20.00 21.72 -9.76
CA ASP A 208 20.72 22.72 -9.00
C ASP A 208 19.80 23.90 -8.56
N GLY A 209 20.03 24.41 -7.36
CA GLY A 209 19.02 25.30 -6.78
C GLY A 209 17.71 24.56 -6.49
N TYR A 210 17.78 23.24 -6.39
CA TYR A 210 16.73 22.47 -5.71
C TYR A 210 16.73 22.95 -4.30
N TRP A 211 15.55 23.07 -3.74
CA TRP A 211 15.39 23.72 -2.45
C TRP A 211 15.92 22.91 -1.27
N GLY A 212 15.76 21.59 -1.31
CA GLY A 212 16.09 20.70 -0.19
C GLY A 212 17.46 20.09 -0.35
N ASP A 213 17.70 18.93 0.27
CA ASP A 213 19.00 18.24 0.16
C ASP A 213 19.17 17.60 -1.21
N LYS A 214 20.36 17.79 -1.78
CA LYS A 214 20.68 17.25 -3.07
C LYS A 214 21.34 15.89 -2.89
N PRO A 215 21.04 14.94 -3.80
CA PRO A 215 21.75 13.64 -3.93
C PRO A 215 23.28 13.72 -3.92
N THR A 216 23.96 12.75 -3.31
CA THR A 216 25.44 12.76 -3.34
C THR A 216 26.02 12.50 -4.73
N TYR A 217 25.21 11.94 -5.61
CA TYR A 217 25.59 11.57 -6.98
C TYR A 217 24.85 12.44 -8.02
N GLU A 218 25.46 12.51 -9.20
CA GLU A 218 25.16 13.46 -10.24
C GLU A 218 24.00 13.04 -11.15
N ARG A 219 23.71 11.75 -11.22
CA ARG A 219 22.87 11.24 -12.31
C ARG A 219 22.14 9.94 -11.99
N LEU A 220 20.98 9.74 -12.62
CA LEU A 220 20.15 8.55 -12.40
C LEU A 220 19.56 8.16 -13.73
N GLU A 221 19.80 6.89 -14.11
CA GLU A 221 19.27 6.31 -15.33
C GLU A 221 18.31 5.22 -14.97
N ALA A 222 17.16 5.21 -15.63
CA ALA A 222 16.17 4.17 -15.45
C ALA A 222 16.16 3.28 -16.68
N LYS A 223 16.63 2.05 -16.55
CA LYS A 223 16.79 1.19 -17.70
C LYS A 223 15.61 0.23 -17.79
N VAL A 224 14.99 0.21 -18.98
CA VAL A 224 13.81 -0.62 -19.22
C VAL A 224 14.30 -2.06 -19.46
N ILE A 225 14.02 -2.94 -18.50
CA ILE A 225 14.28 -4.38 -18.62
C ILE A 225 13.04 -5.19 -18.22
N PRO A 226 12.16 -5.51 -19.19
CA PRO A 226 10.87 -6.16 -18.93
C PRO A 226 10.86 -7.57 -18.31
N ASP A 227 11.91 -8.36 -18.52
CA ASP A 227 11.86 -9.74 -18.07
C ASP A 227 12.64 -9.86 -16.77
N ALA A 228 11.98 -10.48 -15.79
CA ALA A 228 12.52 -10.64 -14.45
C ALA A 228 13.81 -11.47 -14.41
N ARG A 229 13.98 -12.38 -15.36
CA ARG A 229 15.24 -13.13 -15.51
C ARG A 229 16.39 -12.17 -15.87
N SER A 230 16.13 -11.26 -16.81
CA SER A 230 17.14 -10.29 -17.26
C SER A 230 17.58 -9.33 -16.15
N ARG A 231 16.60 -8.89 -15.38
CA ARG A 231 16.84 -7.95 -14.28
C ARG A 231 17.85 -8.52 -13.26
N VAL A 232 17.64 -9.77 -12.89
CA VAL A 232 18.56 -10.50 -12.02
C VAL A 232 19.99 -10.56 -12.59
N ALA A 233 20.09 -10.96 -13.84
CA ALA A 233 21.37 -11.04 -14.54
C ALA A 233 22.07 -9.69 -14.54
N ALA A 234 21.30 -8.64 -14.85
CA ALA A 234 21.87 -7.30 -15.04
C ALA A 234 22.52 -6.74 -13.78
N LEU A 235 22.01 -7.14 -12.64
CA LEU A 235 22.56 -6.70 -11.34
C LEU A 235 23.88 -7.44 -11.05
N ARG A 236 23.88 -8.74 -11.31
CA ARG A 236 25.06 -9.58 -11.13
C ARG A 236 26.27 -9.14 -11.94
N ALA A 237 26.02 -8.59 -13.12
CA ALA A 237 27.06 -8.13 -14.05
C ALA A 237 27.64 -6.76 -13.72
N GLY A 238 26.90 -5.94 -12.97
CA GLY A 238 27.28 -4.55 -12.77
C GLY A 238 26.64 -3.62 -13.79
N GLU A 239 25.58 -4.11 -14.47
CA GLU A 239 24.80 -3.30 -15.44
C GLU A 239 23.77 -2.41 -14.77
N ILE A 240 23.18 -2.90 -13.68
CA ILE A 240 22.36 -2.07 -12.81
C ILE A 240 22.78 -2.16 -11.33
N ASP A 241 22.38 -1.15 -10.59
CA ASP A 241 22.64 -1.06 -9.16
C ASP A 241 21.46 -1.44 -8.31
N LEU A 242 20.26 -1.43 -8.88
CA LEU A 242 19.03 -1.49 -8.11
C LEU A 242 17.88 -2.22 -8.78
N VAL A 243 17.25 -3.13 -8.08
CA VAL A 243 16.11 -3.84 -8.64
C VAL A 243 15.08 -4.04 -7.54
N GLY A 244 13.80 -4.05 -7.91
CA GLY A 244 12.69 -4.25 -6.95
C GLY A 244 11.52 -3.33 -7.19
N GLY A 245 10.45 -3.57 -6.44
CA GLY A 245 9.30 -2.66 -6.39
C GLY A 245 8.16 -3.24 -7.19
N PHE A 246 7.00 -3.47 -6.55
CA PHE A 246 5.80 -3.98 -7.22
C PHE A 246 5.45 -3.25 -8.50
N TRP A 247 5.60 -1.93 -8.48
CA TRP A 247 5.21 -1.11 -9.64
C TRP A 247 6.41 -0.42 -10.25
N ILE A 248 7.54 -1.11 -10.20
CA ILE A 248 8.76 -0.58 -10.79
C ILE A 248 9.46 -1.73 -11.52
N ALA A 249 10.01 -2.66 -10.77
CA ALA A 249 10.72 -3.81 -11.37
C ALA A 249 10.65 -4.99 -10.39
N PRO A 250 9.49 -5.66 -10.32
CA PRO A 250 9.28 -6.64 -9.29
C PRO A 250 10.38 -7.71 -9.22
N LEU A 251 10.53 -8.28 -8.06
CA LEU A 251 11.58 -9.23 -7.78
C LEU A 251 10.96 -10.23 -6.82
N THR A 252 10.57 -11.40 -7.31
CA THR A 252 9.93 -12.41 -6.45
C THR A 252 10.90 -12.90 -5.40
N PRO A 253 10.35 -13.54 -4.36
CA PRO A 253 11.09 -14.35 -3.39
C PRO A 253 12.24 -15.16 -3.99
N GLU A 254 11.96 -15.96 -5.03
CA GLU A 254 12.97 -16.86 -5.54
C GLU A 254 14.15 -16.03 -6.03
N GLU A 255 13.88 -14.93 -6.75
CA GLU A 255 14.97 -14.08 -7.22
C GLU A 255 15.76 -13.54 -6.07
N GLY A 256 15.07 -13.22 -4.97
CA GLY A 256 15.72 -12.68 -3.80
C GLY A 256 16.69 -13.65 -3.19
N LYS A 257 16.25 -14.89 -2.98
CA LYS A 257 17.17 -15.92 -2.50
C LYS A 257 18.35 -16.12 -3.42
N GLN A 258 18.10 -16.13 -4.72
CA GLN A 258 19.17 -16.34 -5.70
C GLN A 258 20.23 -15.28 -5.51
N LEU A 259 19.79 -14.03 -5.41
CA LEU A 259 20.73 -12.92 -5.33
C LEU A 259 21.48 -12.99 -4.02
N GLU A 260 20.73 -13.24 -2.97
CA GLU A 260 21.31 -13.55 -1.69
C GLU A 260 22.41 -14.58 -1.86
N ALA A 261 22.12 -15.68 -2.57
CA ALA A 261 23.12 -16.75 -2.80
C ALA A 261 24.34 -16.23 -3.56
N ALA A 262 24.11 -15.42 -4.58
CA ALA A 262 25.21 -14.74 -5.28
C ALA A 262 25.97 -13.70 -4.43
N GLY A 263 25.75 -13.67 -3.10
CA GLY A 263 26.39 -12.69 -2.22
C GLY A 263 25.84 -11.28 -2.32
N PHE A 264 24.67 -11.08 -2.91
CA PHE A 264 24.12 -9.70 -3.02
C PHE A 264 23.34 -9.22 -1.79
N ASN A 265 23.32 -7.89 -1.63
CA ASN A 265 22.51 -7.24 -0.63
C ASN A 265 21.04 -7.31 -1.00
N VAL A 266 20.27 -7.98 -0.16
CA VAL A 266 18.86 -8.16 -0.39
C VAL A 266 18.14 -7.64 0.82
N VAL A 267 17.21 -6.76 0.52
CA VAL A 267 16.65 -5.89 1.46
C VAL A 267 15.16 -6.07 1.39
N VAL A 268 14.61 -6.50 2.51
CA VAL A 268 13.24 -6.90 2.63
C VAL A 268 12.58 -5.95 3.60
N ASP A 269 11.54 -5.33 3.10
CA ASP A 269 10.67 -4.48 3.87
C ASP A 269 9.48 -5.42 4.23
N PRO A 270 9.13 -5.52 5.53
CA PRO A 270 7.95 -6.31 5.95
C PRO A 270 6.62 -5.86 5.31
N GLY A 271 6.55 -4.62 4.82
CA GLY A 271 5.49 -4.24 3.91
C GLY A 271 4.28 -3.63 4.56
N ASN A 272 3.25 -3.39 3.75
CA ASN A 272 2.07 -2.65 4.18
C ASN A 272 0.73 -3.11 3.60
N VAL A 273 0.74 -4.25 2.96
CA VAL A 273 -0.41 -4.97 2.44
C VAL A 273 -0.48 -6.26 3.28
N THR A 274 -1.70 -6.63 3.65
CA THR A 274 -1.91 -7.81 4.45
C THR A 274 -2.74 -8.77 3.64
N LEU A 275 -2.28 -10.01 3.67
CA LEU A 275 -3.09 -11.12 3.18
C LEU A 275 -3.92 -11.60 4.30
N VAL A 276 -5.22 -11.59 4.11
CA VAL A 276 -6.17 -11.82 5.19
C VAL A 276 -7.08 -12.91 4.71
N ALA A 278 -10.74 -14.49 5.03
CA ALA A 278 -12.08 -14.08 5.32
C ALA A 278 -12.96 -15.28 5.63
N PHE A 279 -13.99 -15.02 6.43
CA PHE A 279 -14.91 -16.05 6.89
C PHE A 279 -16.25 -15.70 6.32
N ASN A 280 -17.02 -16.70 5.92
CA ASN A 280 -18.39 -16.42 5.51
C ASN A 280 -19.44 -17.19 6.28
N PRO A 281 -19.81 -16.68 7.47
CA PRO A 281 -20.71 -17.46 8.34
C PRO A 281 -22.15 -17.54 7.80
N ASP A 282 -22.54 -16.61 6.93
CA ASP A 282 -23.86 -16.65 6.28
C ASP A 282 -24.00 -17.91 5.40
N ARG A 283 -22.90 -18.35 4.81
CA ARG A 283 -22.90 -19.59 4.04
C ARG A 283 -22.55 -20.85 4.82
N ALA A 284 -21.57 -20.74 5.70
CA ALA A 284 -21.02 -21.85 6.46
C ALA A 284 -21.51 -21.74 7.91
N GLU A 285 -22.57 -22.46 8.23
CA GLU A 285 -23.16 -22.39 9.57
C GLU A 285 -22.13 -22.57 10.75
N PRO A 286 -21.04 -23.35 10.54
CA PRO A 286 -20.02 -23.45 11.61
C PRO A 286 -19.19 -22.18 11.90
N LEU A 287 -19.11 -21.25 10.97
CA LEU A 287 -18.28 -20.11 11.16
C LEU A 287 -19.04 -19.06 11.92
N LYS A 288 -20.33 -19.27 12.14
CA LYS A 288 -21.12 -18.36 12.99
C LYS A 288 -20.65 -18.47 14.42
N ASP A 289 -20.15 -19.63 14.79
CA ASP A 289 -19.60 -19.83 16.09
C ASP A 289 -18.18 -19.23 16.14
N PRO A 290 -17.99 -18.09 16.82
CA PRO A 290 -16.67 -17.46 16.87
C PRO A 290 -15.53 -18.28 17.43
N GLN A 291 -15.84 -19.29 18.25
CA GLN A 291 -14.85 -20.24 18.76
C GLN A 291 -14.26 -21.05 17.61
N VAL A 292 -15.11 -21.33 16.62
CA VAL A 292 -14.69 -22.08 15.43
C VAL A 292 -13.82 -21.20 14.58
N ARG A 293 -14.22 -19.95 14.39
CA ARG A 293 -13.36 -19.01 13.69
C ARG A 293 -11.94 -18.90 14.33
N LYS A 294 -11.91 -18.78 15.64
CA LYS A 294 -10.67 -18.67 16.36
C LYS A 294 -9.83 -19.90 16.13
N ALA A 295 -10.48 -21.06 16.21
CA ALA A 295 -9.76 -22.30 16.07
C ALA A 295 -9.15 -22.35 14.68
N VAL A 296 -9.93 -21.99 13.68
CA VAL A 296 -9.41 -21.98 12.34
C VAL A 296 -8.18 -21.10 12.33
N SER A 297 -8.29 -19.93 12.92
CA SER A 297 -7.21 -19.00 12.88
C SER A 297 -5.93 -19.41 13.63
N ILE A 298 -6.08 -19.96 14.83
CA ILE A 298 -4.86 -20.41 15.54
C ILE A 298 -4.42 -21.80 15.14
N GLY A 299 -5.28 -22.51 14.42
CA GLY A 299 -4.94 -23.81 13.82
C GLY A 299 -4.02 -23.69 12.62
N ILE A 300 -3.84 -22.48 12.13
CA ILE A 300 -3.04 -22.20 10.96
C ILE A 300 -1.65 -21.78 11.39
N ASP A 301 -0.65 -22.12 10.57
CA ASP A 301 0.73 -21.67 10.77
C ASP A 301 1.15 -20.60 9.74
N ARG A 302 1.15 -19.35 10.17
CA ARG A 302 1.49 -18.24 9.31
C ARG A 302 2.92 -18.37 8.85
N ALA A 303 3.78 -18.83 9.75
CA ALA A 303 5.20 -19.01 9.45
C ALA A 303 5.44 -19.99 8.31
N ALA A 304 4.64 -21.04 8.23
CA ALA A 304 4.70 -22.00 7.14
C ALA A 304 4.16 -21.35 5.85
N ILE A 305 3.15 -20.51 6.00
CA ILE A 305 2.65 -19.73 4.85
C ILE A 305 3.80 -18.90 4.29
N SER A 306 4.55 -18.27 5.18
CA SER A 306 5.60 -17.36 4.76
C SER A 306 6.71 -18.12 4.08
N LYS A 307 7.05 -19.31 4.62
CA LYS A 307 8.10 -20.22 4.07
C LYS A 307 7.79 -20.63 2.61
N VAL A 308 6.62 -21.23 2.43
CA VAL A 308 6.23 -21.81 1.16
C VAL A 308 6.01 -20.71 0.12
N LEU A 309 5.31 -19.66 0.48
CA LEU A 309 4.94 -18.70 -0.52
C LEU A 309 6.00 -17.62 -0.75
N TYR A 310 6.64 -17.15 0.31
CA TYR A 310 7.57 -16.02 0.21
C TYR A 310 8.98 -16.41 0.61
N HIS A 311 9.27 -17.71 0.66
CA HIS A 311 10.61 -18.17 1.02
C HIS A 311 11.10 -17.65 2.36
N GLY A 312 10.19 -17.50 3.32
CA GLY A 312 10.54 -17.09 4.67
C GLY A 312 10.61 -15.59 4.85
N TYR A 313 10.43 -14.84 3.78
CA TYR A 313 10.61 -13.40 3.83
C TYR A 313 9.41 -12.61 4.43
N ALA A 314 8.21 -13.19 4.39
CA ALA A 314 7.01 -12.59 4.88
C ALA A 314 6.87 -12.68 6.41
N LYS A 315 6.38 -11.60 7.03
CA LYS A 315 6.16 -11.55 8.47
C LYS A 315 4.73 -11.98 8.79
N PRO A 316 4.56 -12.97 9.68
CA PRO A 316 3.21 -13.39 10.08
C PRO A 316 2.44 -12.22 10.61
N ALA A 317 1.14 -12.20 10.35
CA ALA A 317 0.32 -11.06 10.76
C ALA A 317 -0.45 -11.40 12.02
N GLY A 318 -0.33 -10.54 13.01
CA GLY A 318 -1.24 -10.49 14.13
C GLY A 318 -2.36 -9.48 13.92
N ASN A 319 -2.09 -8.41 13.21
CA ASN A 319 -3.06 -7.32 13.03
C ASN A 319 -3.43 -7.19 11.58
N PHE A 321 -3.50 -4.63 9.98
CA PHE A 321 -2.57 -3.71 9.37
C PHE A 321 -1.27 -3.78 10.12
N SER A 322 -0.17 -3.84 9.36
CA SER A 322 1.16 -3.80 9.98
C SER A 322 1.41 -2.43 10.60
N ALA A 323 2.44 -2.38 11.44
CA ALA A 323 2.85 -1.16 12.19
C ALA A 323 3.39 -0.04 11.28
N ALA A 324 3.80 -0.41 10.07
CA ALA A 324 4.19 0.53 9.05
C ALA A 324 3.05 1.51 8.71
N LEU A 325 1.79 1.09 8.91
CA LEU A 325 0.66 1.97 8.60
C LEU A 325 0.33 2.86 9.73
N PRO A 326 -0.26 4.01 9.41
CA PRO A 326 -0.72 4.88 10.46
C PRO A 326 -1.99 4.30 11.04
N TYR A 327 -2.25 4.59 12.31
CA TYR A 327 -3.52 4.19 12.95
C TYR A 327 -3.75 2.69 12.85
N ALA A 328 -2.66 1.94 12.94
CA ALA A 328 -2.75 0.50 12.72
C ALA A 328 -3.24 -0.26 13.97
N GLY A 329 -3.23 0.39 15.11
CA GLY A 329 -3.84 -0.13 16.33
C GLY A 329 -2.79 -0.60 17.30
N LYS A 330 -3.24 -0.91 18.48
CA LYS A 330 -2.41 -1.61 19.43
C LYS A 330 -1.90 -2.91 18.72
N GLN A 331 -0.60 -3.09 18.69
CA GLN A 331 -0.01 -4.20 17.93
C GLN A 331 0.08 -5.46 18.80
N PHE A 332 -0.37 -6.57 18.25
CA PHE A 332 -0.26 -7.85 18.90
C PHE A 332 0.68 -8.77 18.12
N ASP A 333 1.26 -9.69 18.85
CA ASP A 333 2.02 -10.80 18.31
C ASP A 333 1.14 -11.62 17.41
N ALA A 334 1.68 -11.94 16.22
CA ALA A 334 1.07 -12.93 15.37
C ALA A 334 0.85 -14.24 16.14
N PRO A 335 -0.37 -14.80 16.09
CA PRO A 335 -0.61 -16.12 16.72
C PRO A 335 0.33 -17.22 16.23
N VAL A 336 0.85 -17.98 17.18
CA VAL A 336 1.70 -19.14 16.90
C VAL A 336 0.81 -20.40 16.78
N ARG A 337 1.00 -21.20 15.74
CA ARG A 337 0.15 -22.38 15.53
C ARG A 337 -0.05 -23.15 16.85
N ASP A 338 -1.31 -23.37 17.24
CA ASP A 338 -1.58 -24.17 18.43
C ASP A 338 -2.67 -25.20 18.18
N ALA A 339 -2.28 -26.36 17.67
CA ALA A 339 -3.23 -27.39 17.32
C ALA A 339 -3.99 -27.88 18.53
N ALA A 340 -3.35 -27.86 19.68
CA ALA A 340 -4.00 -28.42 20.88
C ALA A 340 -5.09 -27.46 21.36
N ALA A 341 -4.75 -26.20 21.43
CA ALA A 341 -5.78 -25.20 21.76
C ALA A 341 -6.94 -25.17 20.73
N ALA A 342 -6.63 -25.30 19.44
CA ALA A 342 -7.66 -25.32 18.43
C ALA A 342 -8.64 -26.48 18.58
N SER A 343 -8.10 -27.67 18.78
CA SER A 343 -8.89 -28.88 19.01
C SER A 343 -9.81 -28.72 20.23
N ALA A 344 -9.26 -28.12 21.27
CA ALA A 344 -10.01 -27.91 22.49
C ALA A 344 -11.18 -26.94 22.24
N LEU A 345 -10.95 -25.84 21.52
CA LEU A 345 -12.05 -24.95 21.16
C LEU A 345 -13.11 -25.73 20.42
N LEU A 346 -12.70 -26.43 19.38
CA LEU A 346 -13.68 -27.17 18.61
C LEU A 346 -14.50 -28.12 19.45
N GLU A 347 -13.83 -28.80 20.37
CA GLU A 347 -14.52 -29.69 21.31
C GLU A 347 -15.51 -28.95 22.24
N LYS A 348 -15.07 -27.86 22.87
CA LYS A 348 -15.99 -27.04 23.66
C LYS A 348 -17.21 -26.62 22.79
N ALA A 349 -16.98 -26.28 21.53
CA ALA A 349 -18.07 -25.89 20.62
C ALA A 349 -18.91 -27.08 20.18
N GLY A 350 -18.53 -28.30 20.55
CA GLY A 350 -19.28 -29.52 20.21
C GLY A 350 -18.90 -30.21 18.91
N TRP A 351 -17.75 -29.89 18.32
CA TRP A 351 -17.24 -30.65 17.19
C TRP A 351 -16.28 -31.71 17.71
N THR A 352 -16.70 -32.96 17.64
CA THR A 352 -15.86 -34.06 18.09
C THR A 352 -15.71 -35.12 17.01
N GLY A 353 -14.57 -35.79 17.04
CA GLY A 353 -14.28 -36.89 16.14
C GLY A 353 -12.83 -36.86 15.72
N SER A 354 -12.41 -37.98 15.12
CA SER A 354 -11.07 -38.13 14.53
C SER A 354 -11.13 -39.14 13.40
N PRO A 355 -10.53 -38.83 12.24
CA PRO A 355 -9.64 -37.66 12.04
C PRO A 355 -10.34 -36.32 11.80
N ILE A 356 -11.62 -36.38 11.43
CA ILE A 356 -12.48 -35.22 11.16
C ILE A 356 -13.60 -35.08 12.21
N ARG A 357 -13.90 -33.83 12.59
CA ARG A 357 -14.89 -33.58 13.63
C ARG A 357 -16.25 -33.43 13.02
N SER A 358 -17.29 -33.84 13.75
CA SER A 358 -18.64 -33.68 13.28
C SER A 358 -19.49 -33.17 14.40
N LYS A 359 -20.71 -32.80 14.05
CA LYS A 359 -21.66 -32.30 15.00
C LYS A 359 -23.05 -32.46 14.41
N ASP A 360 -23.97 -33.00 15.20
CA ASP A 360 -25.30 -33.38 14.69
C ASP A 360 -25.16 -34.15 13.35
N GLY A 361 -24.10 -34.96 13.23
CA GLY A 361 -23.88 -35.83 12.07
C GLY A 361 -23.25 -35.17 10.85
N LYS A 362 -22.90 -33.89 10.96
CA LYS A 362 -22.34 -33.15 9.83
C LYS A 362 -20.85 -33.00 10.10
N PRO A 363 -20.01 -33.35 9.12
CA PRO A 363 -18.58 -33.21 9.31
C PRO A 363 -18.23 -31.74 9.23
N LEU A 364 -17.10 -31.33 9.80
CA LEU A 364 -16.76 -29.90 9.79
C LEU A 364 -15.99 -29.65 8.50
N THR A 365 -16.74 -29.34 7.45
CA THR A 365 -16.21 -29.19 6.10
C THR A 365 -16.31 -27.73 5.72
N LEU A 366 -15.20 -27.14 5.30
CA LEU A 366 -15.17 -25.75 4.82
C LEU A 366 -14.52 -25.67 3.46
N GLU A 367 -15.07 -24.80 2.61
CA GLU A 367 -14.59 -24.64 1.26
C GLU A 367 -13.75 -23.38 1.13
N LEU A 368 -12.48 -23.55 0.87
CA LEU A 368 -11.59 -22.46 0.59
C LEU A 368 -11.53 -22.23 -0.93
N VAL A 369 -12.03 -21.05 -1.35
CA VAL A 369 -12.03 -20.69 -2.73
C VAL A 369 -10.78 -19.87 -3.02
N VAL A 370 -10.08 -20.23 -4.09
CA VAL A 370 -8.85 -19.54 -4.47
C VAL A 370 -8.76 -19.35 -5.98
N SER A 371 -8.04 -18.30 -6.39
CA SER A 371 -7.66 -18.09 -7.79
C SER A 371 -6.18 -17.76 -7.89
N PRO A 372 -5.37 -18.71 -8.41
CA PRO A 372 -3.96 -18.44 -8.69
C PRO A 372 -3.73 -17.19 -9.56
N ASP A 373 -4.66 -16.91 -10.48
CA ASP A 373 -4.63 -15.66 -11.29
C ASP A 373 -4.62 -14.39 -10.45
N ALA A 374 -5.55 -14.31 -9.50
CA ALA A 374 -5.75 -13.12 -8.65
C ALA A 374 -4.81 -13.01 -7.44
N VAL A 375 -4.23 -14.13 -6.98
CA VAL A 375 -3.20 -14.10 -5.94
C VAL A 375 -2.15 -15.19 -6.20
N PRO A 376 -1.00 -14.85 -6.83
CA PRO A 376 -0.07 -15.95 -7.10
C PRO A 376 0.38 -16.67 -5.82
N GLY A 377 0.44 -18.00 -5.90
CA GLY A 377 0.72 -18.84 -4.77
C GLY A 377 -0.55 -19.22 -4.04
N SER A 378 -1.67 -18.77 -4.57
CA SER A 378 -2.92 -18.91 -3.87
C SER A 378 -3.28 -20.36 -3.61
N ARG A 379 -3.11 -21.23 -4.60
CA ARG A 379 -3.43 -22.64 -4.41
C ARG A 379 -2.54 -23.31 -3.40
N VAL A 380 -1.27 -22.98 -3.44
CA VAL A 380 -0.24 -23.55 -2.56
C VAL A 380 -0.55 -23.26 -1.11
N ILE A 381 -0.86 -22.00 -0.81
CA ILE A 381 -1.34 -21.62 0.52
C ILE A 381 -2.48 -22.53 0.98
N ALA A 382 -3.40 -22.81 0.07
CA ALA A 382 -4.59 -23.58 0.41
C ALA A 382 -4.23 -24.98 0.88
N GLU A 383 -3.18 -25.54 0.29
CA GLU A 383 -2.78 -26.92 0.58
C GLU A 383 -1.98 -27.01 1.86
N VAL A 384 -1.27 -25.96 2.22
CA VAL A 384 -0.67 -25.88 3.54
C VAL A 384 -1.77 -25.87 4.61
N ILE A 385 -2.72 -24.96 4.43
CA ILE A 385 -3.84 -24.78 5.36
C ILE A 385 -4.69 -26.05 5.49
N GLN A 386 -5.09 -26.61 4.38
CA GLN A 386 -5.93 -27.79 4.37
C GLN A 386 -5.32 -28.91 5.22
N SER A 387 -3.99 -28.99 5.10
CA SER A 387 -3.18 -29.97 5.79
C SER A 387 -3.12 -29.65 7.32
N GLU A 388 -3.05 -28.37 7.65
CA GLU A 388 -3.04 -27.93 9.02
C GLU A 388 -4.41 -28.04 9.70
N LYS A 390 -6.61 -30.27 8.77
CA LYS A 390 -6.80 -31.67 8.93
C LYS A 390 -6.32 -32.04 10.33
N GLU A 391 -5.16 -31.52 10.74
CA GLU A 391 -4.57 -31.89 12.05
C GLU A 391 -5.46 -31.50 13.23
N VAL A 392 -6.26 -30.44 13.11
CA VAL A 392 -7.22 -30.06 14.17
C VAL A 392 -8.62 -30.62 13.99
N GLY A 393 -8.83 -31.35 12.88
CA GLY A 393 -10.08 -32.04 12.60
C GLY A 393 -11.02 -31.34 11.63
N ILE A 394 -10.54 -30.33 10.90
CA ILE A 394 -11.35 -29.66 9.92
C ILE A 394 -11.00 -30.17 8.54
N ASP A 395 -12.03 -30.44 7.73
CA ASP A 395 -11.90 -30.98 6.37
C ASP A 395 -11.97 -29.81 5.36
N LEU A 396 -10.82 -29.36 4.93
CA LEU A 396 -10.77 -28.20 4.03
C LEU A 396 -10.83 -28.66 2.56
N VAL A 397 -11.91 -28.32 1.90
CA VAL A 397 -11.98 -28.54 0.45
C VAL A 397 -11.54 -27.26 -0.30
N ILE A 398 -10.67 -27.45 -1.30
CA ILE A 398 -10.18 -26.33 -2.11
C ILE A 398 -10.87 -26.32 -3.48
N ARG A 399 -11.42 -25.16 -3.82
CA ARG A 399 -11.93 -24.90 -5.16
C ARG A 399 -11.03 -23.79 -5.79
N SER A 400 -10.16 -24.23 -6.70
CA SER A 400 -9.15 -23.40 -7.39
C SER A 400 -9.80 -22.88 -8.66
N VAL A 401 -9.78 -21.57 -8.88
CA VAL A 401 -10.63 -20.91 -9.93
C VAL A 401 -9.83 -19.96 -10.85
N ASP A 402 -10.43 -19.57 -11.98
CA ASP A 402 -9.99 -18.40 -12.79
C ASP A 402 -10.32 -17.08 -12.05
N HIS A 403 -9.86 -15.94 -12.57
CA HIS A 403 -10.43 -14.63 -12.16
C HIS A 403 -11.90 -14.60 -12.64
N ALA A 404 -12.78 -15.10 -11.76
CA ALA A 404 -14.12 -15.62 -12.07
C ALA A 404 -14.74 -16.24 -10.79
N GLU A 412 -20.72 -11.77 -4.80
CA GLU A 412 -20.40 -13.15 -5.21
C GLU A 412 -19.93 -13.99 -4.04
N GLN A 413 -20.78 -14.05 -3.01
CA GLN A 413 -20.44 -14.65 -1.73
C GLN A 413 -20.55 -16.20 -1.72
N LYS A 414 -20.10 -16.86 -2.80
CA LYS A 414 -20.12 -18.34 -2.92
C LYS A 414 -18.79 -18.97 -2.47
N TYR A 415 -18.53 -18.91 -1.16
CA TYR A 415 -17.30 -19.43 -0.51
C TYR A 415 -17.49 -19.47 1.02
N ASP A 416 -16.88 -20.45 1.68
CA ASP A 416 -16.86 -20.46 3.15
C ASP A 416 -15.69 -19.63 3.68
N LEU A 417 -14.52 -19.84 3.06
CA LEU A 417 -13.28 -19.09 3.29
C LEU A 417 -12.69 -18.59 1.97
N GLY A 418 -12.02 -17.44 2.04
CA GLY A 418 -11.35 -16.85 0.88
C GLY A 418 -10.31 -15.84 1.29
N PHE A 419 -9.54 -15.38 0.32
CA PHE A 419 -8.41 -14.49 0.56
C PHE A 419 -8.60 -13.10 0.04
N PHE A 420 -8.25 -12.15 0.88
CA PHE A 420 -8.21 -10.78 0.49
C PHE A 420 -6.85 -10.25 0.77
N LEU A 421 -6.53 -9.19 0.05
CA LEU A 421 -5.32 -8.41 0.21
C LEU A 421 -5.79 -7.04 0.51
N THR A 422 -5.21 -6.39 1.52
CA THR A 422 -5.47 -5.00 1.76
C THR A 422 -4.90 -4.11 0.65
N TYR A 423 -5.36 -2.88 0.62
CA TYR A 423 -4.99 -1.95 -0.40
C TYR A 423 -3.53 -1.50 -0.23
N GLY A 424 -3.06 -1.37 1.00
CA GLY A 424 -1.68 -0.90 1.25
C GLY A 424 -1.51 0.63 1.30
N ALA A 425 -0.32 1.09 1.68
CA ALA A 425 -0.04 2.51 1.77
C ALA A 425 -0.15 3.06 0.39
N PRO A 426 -0.64 4.28 0.19
CA PRO A 426 -0.99 5.25 1.22
C PRO A 426 -2.50 5.37 1.47
N TYR A 427 -3.25 4.34 1.08
CA TYR A 427 -4.69 4.32 1.17
C TYR A 427 -5.23 3.81 2.53
N ASP A 428 -4.37 3.30 3.39
CA ASP A 428 -4.88 2.53 4.53
C ASP A 428 -4.59 3.31 5.78
N PRO A 429 -5.38 3.11 6.83
CA PRO A 429 -6.30 1.96 6.97
C PRO A 429 -7.70 2.20 6.47
N PHE A 430 -8.05 3.46 6.20
CA PHE A 430 -9.44 3.76 5.90
C PHE A 430 -9.92 3.21 4.58
N GLY A 431 -9.03 3.15 3.58
CA GLY A 431 -9.40 2.61 2.26
C GLY A 431 -9.90 1.19 2.37
N SER A 432 -9.15 0.35 3.08
CA SER A 432 -9.50 -1.07 3.22
C SER A 432 -10.63 -1.29 4.19
N LEU A 433 -10.59 -0.59 5.31
CA LEU A 433 -11.66 -0.68 6.27
C LEU A 433 -13.00 -0.37 5.66
N VAL A 434 -13.08 0.75 4.98
CA VAL A 434 -14.30 1.17 4.39
C VAL A 434 -14.68 0.23 3.26
N ALA A 435 -13.76 -0.01 2.33
CA ALA A 435 -14.08 -0.77 1.14
C ALA A 435 -14.40 -2.23 1.44
N LEU A 436 -13.72 -2.81 2.44
CA LEU A 436 -13.83 -4.24 2.69
C LEU A 436 -14.67 -4.58 3.91
N CYS A 437 -14.99 -3.60 4.73
CA CYS A 437 -15.64 -3.87 5.98
C CYS A 437 -16.94 -3.11 6.25
N LEU A 438 -17.14 -1.95 5.64
CA LEU A 438 -18.38 -1.22 5.86
C LEU A 438 -19.51 -1.78 4.96
N SER A 439 -20.57 -2.32 5.57
CA SER A 439 -21.75 -2.80 4.80
C SER A 439 -22.25 -1.83 3.75
N THR A 440 -22.46 -0.57 4.15
CA THR A 440 -23.12 0.41 3.30
C THR A 440 -22.29 0.79 2.08
N PHE A 441 -20.97 0.66 2.15
CA PHE A 441 -20.09 0.93 0.98
C PHE A 441 -20.06 -0.27 0.04
N LYS A 442 -20.53 -0.06 -1.18
CA LYS A 442 -20.83 -1.16 -2.09
C LYS A 442 -20.22 -0.90 -3.48
N ASN A 443 -19.02 -1.41 -3.73
CA ASN A 443 -18.38 -1.21 -5.04
C ASN A 443 -18.21 -2.50 -5.85
N ASP A 444 -18.67 -2.44 -7.10
CA ASP A 444 -18.65 -3.56 -8.05
C ASP A 444 -17.34 -4.38 -8.00
N VAL A 445 -16.20 -3.70 -7.99
CA VAL A 445 -14.91 -4.38 -8.05
C VAL A 445 -14.50 -5.09 -6.76
N GLU A 446 -15.15 -4.77 -5.62
CA GLU A 446 -14.60 -5.08 -4.27
C GLU A 446 -14.73 -6.54 -3.71
N GLY A 447 -15.92 -6.92 -3.23
CA GLY A 447 -16.08 -8.03 -2.26
C GLY A 447 -15.95 -7.53 -0.80
N LYS A 448 -16.45 -8.30 0.17
CA LYS A 448 -16.37 -7.92 1.61
C LYS A 448 -15.70 -8.97 2.50
N LEU A 449 -14.72 -8.50 3.27
CA LEU A 449 -14.13 -9.25 4.38
C LEU A 449 -15.15 -9.61 5.47
N VAL A 450 -15.88 -8.61 5.92
CA VAL A 450 -16.80 -8.82 7.01
C VAL A 450 -17.90 -7.75 6.98
N THR A 451 -19.15 -8.17 7.11
CA THR A 451 -20.26 -7.22 7.08
C THR A 451 -21.18 -7.42 8.26
N ASP A 452 -21.07 -6.53 9.25
CA ASP A 452 -22.02 -6.50 10.36
C ASP A 452 -22.58 -5.08 10.49
N PRO A 453 -23.71 -4.84 9.85
CA PRO A 453 -24.38 -3.54 9.92
C PRO A 453 -24.68 -3.07 11.34
N VAL A 454 -25.17 -3.97 12.17
CA VAL A 454 -25.62 -3.48 13.46
C VAL A 454 -24.39 -3.20 14.32
N ASN A 455 -23.35 -4.04 14.20
CA ASN A 455 -22.23 -3.98 15.17
C ASN A 455 -21.00 -3.26 14.71
N LEU A 456 -20.59 -3.47 13.46
CA LEU A 456 -19.33 -2.94 12.97
C LEU A 456 -19.46 -1.60 12.25
N ASP A 457 -20.49 -1.47 11.44
CA ASP A 457 -20.68 -0.23 10.73
C ASP A 457 -20.59 0.97 11.66
N PRO A 458 -21.34 0.95 12.75
CA PRO A 458 -21.27 2.09 13.64
C PRO A 458 -19.87 2.46 14.08
N LEU A 459 -19.03 1.46 14.25
CA LEU A 459 -17.68 1.70 14.76
C LEU A 459 -16.84 2.23 13.63
N ILE A 460 -17.03 1.69 12.44
CA ILE A 460 -16.30 2.23 11.28
C ILE A 460 -16.69 3.70 11.00
N ASN A 461 -18.01 3.97 10.97
CA ASN A 461 -18.53 5.34 10.80
C ASN A 461 -17.99 6.34 11.82
N ALA A 462 -17.91 5.90 13.07
CA ALA A 462 -17.41 6.77 14.13
C ALA A 462 -15.93 7.04 13.87
N ALA A 463 -15.18 6.00 13.50
CA ALA A 463 -13.77 6.19 13.17
C ALA A 463 -13.55 7.13 11.96
N THR A 464 -14.40 7.02 10.94
CA THR A 464 -14.28 7.90 9.78
C THR A 464 -14.70 9.32 10.13
N ALA A 465 -15.51 9.45 11.18
CA ALA A 465 -15.91 10.78 11.63
C ALA A 465 -14.85 11.43 12.54
N ALA A 466 -13.90 10.65 13.06
CA ALA A 466 -13.03 11.15 14.12
C ALA A 466 -12.04 12.19 13.61
N THR A 467 -11.56 13.04 14.51
CA THR A 467 -10.62 14.14 14.20
C THR A 467 -9.44 14.11 15.16
N GLY A 468 -8.30 14.64 14.69
CA GLY A 468 -7.08 14.79 15.47
C GLY A 468 -6.78 13.68 16.47
N ASP A 469 -6.71 14.06 17.75
CA ASP A 469 -6.38 13.19 18.88
C ASP A 469 -7.31 11.97 19.03
N GLN A 470 -8.54 12.07 18.53
CA GLN A 470 -9.60 11.06 18.73
C GLN A 470 -9.69 9.96 17.63
N ILE A 471 -8.83 10.02 16.61
CA ILE A 471 -8.85 9.02 15.52
C ILE A 471 -8.41 7.64 16.07
N GLU A 472 -7.36 7.67 16.89
CA GLU A 472 -6.67 6.47 17.36
C GLU A 472 -7.53 5.58 18.27
N PRO A 473 -8.03 6.13 19.39
CA PRO A 473 -8.94 5.34 20.21
C PRO A 473 -10.27 5.08 19.52
N THR A 474 -10.68 5.90 18.56
CA THR A 474 -11.95 5.60 17.89
C THR A 474 -11.70 4.39 16.98
N ILE A 475 -10.62 4.45 16.21
CA ILE A 475 -10.31 3.33 15.32
C ILE A 475 -9.91 2.08 16.11
N GLN A 476 -9.37 2.25 17.33
CA GLN A 476 -8.99 1.10 18.11
C GLN A 476 -10.19 0.20 18.39
N LYS A 477 -11.37 0.79 18.43
CA LYS A 477 -12.58 0.05 18.72
C LYS A 477 -12.98 -0.82 17.53
N VAL A 478 -12.72 -0.36 16.32
CA VAL A 478 -12.93 -1.25 15.16
C VAL A 478 -12.07 -2.52 15.36
N TYR A 479 -10.79 -2.33 15.68
CA TYR A 479 -9.82 -3.45 15.80
C TYR A 479 -10.14 -4.39 16.95
N ASP A 480 -10.67 -3.85 18.05
CA ASP A 480 -11.08 -4.69 19.21
C ASP A 480 -12.26 -5.54 18.85
N TRP A 481 -13.21 -4.93 18.14
CA TRP A 481 -14.34 -5.71 17.68
C TRP A 481 -13.92 -6.91 16.85
N LEU A 482 -13.09 -6.63 15.87
CA LEU A 482 -12.69 -7.65 14.92
C LEU A 482 -11.97 -8.80 15.65
N ARG A 483 -11.05 -8.41 16.53
CA ARG A 483 -10.24 -9.31 17.32
C ARG A 483 -11.05 -10.10 18.38
N ASP A 484 -11.88 -9.43 19.17
CA ASP A 484 -12.68 -10.16 20.16
C ASP A 484 -13.70 -11.06 19.49
N ASN A 485 -14.17 -10.72 18.31
CA ASN A 485 -15.17 -11.54 17.63
C ASN A 485 -14.57 -12.52 16.63
N ASP A 486 -13.24 -12.44 16.45
CA ASP A 486 -12.51 -13.32 15.52
C ASP A 486 -13.16 -13.23 14.15
N ALA A 487 -13.34 -12.00 13.70
CA ALA A 487 -14.15 -11.73 12.52
C ALA A 487 -13.37 -11.90 11.25
N ILE A 488 -12.04 -11.77 11.37
CA ILE A 488 -11.12 -11.94 10.25
C ILE A 488 -9.91 -12.75 10.69
N ALA A 489 -9.13 -13.29 9.74
CA ALA A 489 -7.84 -13.96 10.06
C ALA A 489 -6.68 -13.42 9.22
N PRO A 490 -5.97 -12.37 9.70
CA PRO A 490 -4.78 -11.91 8.98
C PRO A 490 -3.73 -12.99 8.97
N LEU A 491 -3.07 -13.20 7.85
CA LEU A 491 -2.15 -14.33 7.74
C LEU A 491 -0.69 -13.84 7.78
N VAL A 492 -0.25 -13.15 6.75
CA VAL A 492 1.07 -12.57 6.68
C VAL A 492 1.01 -11.14 6.08
N TYR A 493 2.03 -10.35 6.39
CA TYR A 493 2.32 -9.15 5.67
C TYR A 493 3.12 -9.52 4.43
N VAL A 494 2.74 -8.91 3.33
CA VAL A 494 3.35 -9.23 2.04
C VAL A 494 4.64 -8.41 1.87
N PRO A 495 5.81 -9.07 1.88
CA PRO A 495 7.03 -8.27 1.92
C PRO A 495 7.37 -7.65 0.56
N SER A 496 8.23 -6.64 0.60
CA SER A 496 8.68 -5.93 -0.59
C SER A 496 10.17 -6.03 -0.63
N ILE A 497 10.66 -6.53 -1.73
CA ILE A 497 12.03 -6.97 -1.81
C ILE A 497 12.79 -6.18 -2.84
N TRP A 498 13.89 -5.59 -2.39
CA TRP A 498 14.82 -4.86 -3.24
C TRP A 498 16.17 -5.52 -3.20
N ALA A 499 16.94 -5.42 -4.28
CA ALA A 499 18.36 -5.73 -4.20
C ALA A 499 19.16 -4.61 -4.83
N HIS A 500 20.33 -4.33 -4.25
CA HIS A 500 21.30 -3.40 -4.81
C HIS A 500 22.68 -4.02 -4.92
N SER A 501 23.55 -3.27 -5.61
CA SER A 501 24.92 -3.72 -5.80
C SER A 501 25.72 -3.33 -4.58
N LYS A 502 26.91 -3.92 -4.50
CA LYS A 502 27.84 -3.68 -3.44
C LYS A 502 28.19 -2.21 -3.27
N ARG A 503 28.24 -1.44 -4.35
CA ARG A 503 28.70 -0.05 -4.25
C ARG A 503 27.62 0.90 -3.69
N VAL A 504 26.36 0.46 -3.70
CA VAL A 504 25.28 1.29 -3.13
C VAL A 504 25.27 1.28 -1.59
N GLN A 505 25.54 2.45 -1.01
CA GLN A 505 25.38 2.65 0.40
C GLN A 505 24.19 3.54 0.62
N GLY A 506 23.63 3.42 1.79
CA GLY A 506 22.57 4.32 2.18
C GLY A 506 21.24 3.96 1.61
N PHE A 507 21.08 2.74 1.09
CA PHE A 507 19.79 2.35 0.51
C PHE A 507 18.70 2.38 1.59
N THR A 508 17.60 3.02 1.25
CA THR A 508 16.50 3.23 2.18
C THR A 508 15.23 2.70 1.53
N SER A 509 14.61 1.67 2.13
CA SER A 509 13.45 1.04 1.52
C SER A 509 12.35 2.09 1.32
N PRO A 510 11.69 2.08 0.16
CA PRO A 510 10.66 3.09 -0.08
C PRO A 510 9.49 2.88 0.85
N VAL A 511 8.84 3.98 1.21
CA VAL A 511 7.73 3.93 2.12
C VAL A 511 6.50 3.40 1.41
N THR A 512 6.38 3.70 0.12
CA THR A 512 5.27 3.16 -0.64
C THR A 512 5.82 2.64 -1.92
N GLU A 513 4.98 1.90 -2.62
CA GLU A 513 5.30 1.34 -3.90
C GLU A 513 5.21 2.38 -5.02
N TYR A 514 4.96 3.65 -4.66
CA TYR A 514 4.75 4.71 -5.67
C TYR A 514 5.92 5.71 -5.67
N ASP A 515 6.88 5.42 -4.79
CA ASP A 515 8.08 6.21 -4.55
C ASP A 515 9.26 5.52 -5.18
N PRO A 517 13.16 4.97 -4.37
CA PRO A 517 14.12 5.08 -3.28
C PRO A 517 15.51 5.56 -3.71
N TYR A 518 15.60 6.82 -4.10
CA TYR A 518 16.89 7.44 -4.47
C TYR A 518 17.55 8.12 -3.27
N GLU A 519 16.78 8.30 -2.20
CA GLU A 519 17.20 9.06 -1.06
C GLU A 519 18.40 8.38 -0.40
N ASN A 520 19.30 9.22 0.07
CA ASN A 520 20.35 8.89 1.02
C ASN A 520 21.50 8.15 0.40
N ILE A 521 21.34 7.75 -0.84
CA ILE A 521 22.30 6.84 -1.47
C ILE A 521 23.63 7.55 -1.69
N VAL A 522 24.71 6.84 -1.38
CA VAL A 522 26.05 7.28 -1.73
C VAL A 522 26.75 6.13 -2.43
N LEU A 523 27.42 6.43 -3.54
CA LEU A 523 28.07 5.41 -4.36
C LEU A 523 29.58 5.33 -4.09
N ALA A 524 30.05 4.16 -3.66
CA ALA A 524 31.48 3.98 -3.33
C ALA A 524 32.43 3.91 -4.54
N GLU A 525 32.05 3.17 -5.60
CA GLU A 525 32.90 2.98 -6.82
C GLU A 525 34.28 2.36 -6.52
#